data_5EW9
#
_entry.id   5EW9
#
_cell.length_a   51.851
_cell.length_b   65.327
_cell.length_c   77.267
_cell.angle_alpha   90.00
_cell.angle_beta   90.00
_cell.angle_gamma   90.00
#
_symmetry.space_group_name_H-M   'P 21 21 21'
#
loop_
_entity.id
_entity.type
_entity.pdbx_description
1 polymer 'Aurora kinase A'
2 non-polymer '4-(3-chloranyl-2-fluoranyl-phenoxy)-1-[[6-(1,3-thiazol-2-ylamino)pyridin-2-yl]methyl]cyclohexane-1-carboxylic acid'
3 water water
#
_entity_poly.entity_id   1
_entity_poly.type   'polypeptide(L)'
_entity_poly.pdbx_seq_one_letter_code
;GPGSKKRQWALEDFEIGRPLGKGKFGNVYLAREKQSKFILALKVLFKAQLEKAGVEHQLRREVEIQSHLRHPNILRLYGY
FHDATRVYLILEYAPLGTVYRELQKLSKFDEQRTATYITELANALSYCHSKRVIHRDIKPENLLLGSAGELKIADFGWSV
HAPSSRR(TPO)(TPO)LCGTLDYLPPEMIEGRMHDEKVDLWSLGVLCYEFLVGKPPFEANTYQETYKRISRVEFTFPDF
VTEGARDLISRLLKHNPSQRPMLREVLEHPWITANSSKP
;
_entity_poly.pdbx_strand_id   A
#
loop_
_chem_comp.id
_chem_comp.type
_chem_comp.name
_chem_comp.formula
5VC non-polymer '4-(3-chloranyl-2-fluoranyl-phenoxy)-1-[[6-(1,3-thiazol-2-ylamino)pyridin-2-yl]methyl]cyclohexane-1-carboxylic acid' 'C22 H21 Cl F N3 O3 S'
#
# COMPACT_ATOMS: atom_id res chain seq x y z
N GLN A 8 10.28 2.82 26.50
CA GLN A 8 11.46 3.60 26.12
C GLN A 8 11.11 4.97 25.54
N TRP A 9 10.58 4.99 24.31
CA TRP A 9 10.24 6.23 23.65
C TRP A 9 9.10 6.96 24.37
N ALA A 10 9.14 8.28 24.34
CA ALA A 10 8.07 9.11 24.90
C ALA A 10 7.94 10.38 24.05
N LEU A 11 6.82 11.07 24.18
CA LEU A 11 6.52 12.24 23.37
C LEU A 11 7.60 13.30 23.52
N GLU A 12 8.13 13.41 24.74
CA GLU A 12 9.16 14.38 25.07
C GLU A 12 10.55 14.04 24.51
N ASP A 13 10.67 12.90 23.83
CA ASP A 13 11.93 12.56 23.17
C ASP A 13 12.03 13.25 21.82
N PHE A 14 11.01 14.02 21.45
CA PHE A 14 10.96 14.61 20.12
C PHE A 14 10.68 16.11 20.12
N GLU A 15 11.19 16.80 19.12
CA GLU A 15 10.86 18.21 18.91
C GLU A 15 9.89 18.23 17.75
N ILE A 16 8.62 18.48 18.07
CA ILE A 16 7.57 18.38 17.08
C ILE A 16 7.44 19.67 16.29
N GLY A 17 7.44 19.54 14.96
CA GLY A 17 7.28 20.68 14.09
C GLY A 17 5.87 20.77 13.52
N ARG A 18 5.75 21.33 12.32
CA ARG A 18 4.46 21.58 11.70
C ARG A 18 3.73 20.29 11.35
N PRO A 19 2.40 20.33 11.41
CA PRO A 19 1.62 19.16 10.96
C PRO A 19 1.81 18.96 9.46
N LEU A 20 2.11 17.73 9.04
CA LEU A 20 2.26 17.44 7.63
C LEU A 20 0.89 17.35 6.99
N GLY A 21 -0.05 16.74 7.70
CA GLY A 21 -1.43 16.68 7.27
C GLY A 21 -2.29 15.89 8.24
N LYS A 22 -3.60 15.87 8.00
CA LYS A 22 -4.51 15.09 8.82
C LYS A 22 -4.89 13.79 8.10
N GLY A 23 -4.62 12.68 8.75
CA GLY A 23 -4.93 11.39 8.15
C GLY A 23 -6.06 10.72 8.91
N LYS A 24 -6.28 9.45 8.62
CA LYS A 24 -7.25 8.68 9.37
C LYS A 24 -6.69 8.43 10.76
N PHE A 25 -7.54 8.60 11.77
CA PHE A 25 -7.22 8.34 13.17
C PHE A 25 -6.32 9.39 13.84
N GLY A 26 -5.79 10.34 13.06
CA GLY A 26 -4.98 11.39 13.64
C GLY A 26 -4.03 12.09 12.68
N ASN A 27 -3.40 13.15 13.18
CA ASN A 27 -2.47 13.94 12.41
C ASN A 27 -1.10 13.30 12.33
N VAL A 28 -0.30 13.74 11.36
CA VAL A 28 1.08 13.31 11.29
C VAL A 28 1.98 14.56 11.26
N TYR A 29 3.05 14.56 12.05
CA TYR A 29 3.83 15.77 12.23
C TYR A 29 5.25 15.60 11.76
N LEU A 30 5.77 16.63 11.12
CA LEU A 30 7.19 16.67 10.85
C LEU A 30 7.83 16.85 12.21
N ALA A 31 8.85 16.06 12.52
CA ALA A 31 9.48 16.16 13.83
C ALA A 31 10.97 15.82 13.81
N ARG A 32 11.57 15.86 14.98
CA ARG A 32 13.02 15.72 15.09
C ARG A 32 13.35 15.10 16.45
N GLU A 33 14.07 13.97 16.44
CA GLU A 33 14.54 13.39 17.69
C GLU A 33 15.49 14.39 18.31
N LYS A 34 15.40 14.58 19.63
CA LYS A 34 16.16 15.61 20.32
C LYS A 34 17.68 15.42 20.23
N GLN A 35 18.18 14.33 20.80
CA GLN A 35 19.62 14.10 20.90
C GLN A 35 20.33 13.97 19.55
N SER A 36 19.70 13.28 18.61
CA SER A 36 20.36 13.01 17.33
C SER A 36 20.05 14.05 16.26
N LYS A 37 19.01 14.84 16.48
CA LYS A 37 18.54 15.84 15.52
C LYS A 37 18.08 15.24 14.20
N PHE A 38 17.81 13.94 14.23
CA PHE A 38 17.36 13.22 13.04
C PHE A 38 15.91 13.58 12.70
N ILE A 39 15.70 14.06 11.48
CA ILE A 39 14.37 14.46 11.00
C ILE A 39 13.50 13.22 10.69
N LEU A 40 12.26 13.23 11.17
CA LEU A 40 11.35 12.09 11.02
C LEU A 40 9.89 12.55 10.96
N ALA A 41 8.99 11.59 10.69
CA ALA A 41 7.56 11.86 10.73
C ALA A 41 6.96 11.20 11.95
N LEU A 42 6.07 11.91 12.62
CA LEU A 42 5.42 11.38 13.81
C LEU A 42 3.92 11.28 13.57
N LYS A 43 3.41 10.05 13.49
CA LYS A 43 1.99 9.83 13.26
C LYS A 43 1.29 9.60 14.59
N VAL A 44 0.21 10.34 14.81
CA VAL A 44 -0.56 10.21 16.03
C VAL A 44 -1.83 9.42 15.72
N LEU A 45 -2.15 8.44 16.55
CA LEU A 45 -3.36 7.64 16.36
C LEU A 45 -4.16 7.59 17.66
N PHE A 46 -5.44 7.96 17.59
CA PHE A 46 -6.30 7.94 18.78
C PHE A 46 -6.90 6.55 18.98
N LYS A 47 -6.65 5.97 20.15
CA LYS A 47 -7.08 4.62 20.45
C LYS A 47 -8.58 4.44 20.28
N ALA A 48 -9.35 5.44 20.71
CA ALA A 48 -10.81 5.38 20.58
C ALA A 48 -11.25 5.21 19.13
N GLN A 49 -10.60 5.92 18.21
CA GLN A 49 -10.96 5.84 16.81
C GLN A 49 -10.49 4.52 16.20
N LEU A 50 -9.36 4.00 16.67
CA LEU A 50 -8.87 2.69 16.25
C LEU A 50 -9.85 1.59 16.66
N GLU A 51 -10.30 1.63 17.92
CA GLU A 51 -11.24 0.64 18.43
C GLU A 51 -12.56 0.69 17.67
N LYS A 52 -13.09 1.89 17.48
CA LYS A 52 -14.36 2.07 16.79
C LYS A 52 -14.30 1.62 15.33
N ALA A 53 -13.17 1.85 14.69
CA ALA A 53 -13.00 1.42 13.30
C ALA A 53 -12.70 -0.06 13.19
N GLY A 54 -12.46 -0.71 14.32
CA GLY A 54 -12.19 -2.15 14.34
C GLY A 54 -10.81 -2.59 13.88
N VAL A 55 -9.84 -1.67 13.90
CA VAL A 55 -8.51 -1.99 13.40
C VAL A 55 -7.41 -1.97 14.47
N GLU A 56 -7.80 -1.90 15.74
CA GLU A 56 -6.81 -1.78 16.79
C GLU A 56 -5.87 -2.99 16.88
N HIS A 57 -6.38 -4.18 16.60
CA HIS A 57 -5.56 -5.38 16.65
C HIS A 57 -4.66 -5.52 15.41
N GLN A 58 -5.16 -5.07 14.25
CA GLN A 58 -4.35 -5.05 13.04
C GLN A 58 -3.16 -4.13 13.19
N LEU A 59 -3.38 -2.91 13.69
CA LEU A 59 -2.30 -1.95 13.88
C LEU A 59 -1.21 -2.49 14.81
N ARG A 60 -1.63 -3.15 15.89
CA ARG A 60 -0.69 -3.72 16.87
C ARG A 60 0.18 -4.78 16.20
N ARG A 61 -0.44 -5.64 15.41
CA ARG A 61 0.30 -6.66 14.67
C ARG A 61 1.26 -6.00 13.66
N GLU A 62 0.78 -5.00 12.95
CA GLU A 62 1.60 -4.39 11.89
C GLU A 62 2.82 -3.67 12.41
N VAL A 63 2.66 -2.91 13.49
CA VAL A 63 3.77 -2.15 14.02
C VAL A 63 4.82 -3.11 14.58
N GLU A 64 4.36 -4.27 15.04
CA GLU A 64 5.25 -5.28 15.58
C GLU A 64 6.05 -5.95 14.47
N ILE A 65 5.36 -6.37 13.41
CA ILE A 65 6.01 -6.98 12.28
C ILE A 65 7.00 -6.01 11.61
N GLN A 66 6.50 -4.82 11.28
CA GLN A 66 7.27 -3.89 10.46
C GLN A 66 8.42 -3.24 11.21
N SER A 67 8.44 -3.40 12.52
CA SER A 67 9.55 -2.86 13.30
C SER A 67 10.82 -3.65 13.00
N HIS A 68 10.66 -4.84 12.43
CA HIS A 68 11.79 -5.70 12.13
C HIS A 68 12.14 -5.70 10.64
N LEU A 69 11.44 -4.89 9.86
CA LEU A 69 11.65 -4.82 8.42
C LEU A 69 12.44 -3.58 7.99
N ARG A 70 13.23 -3.74 6.93
CA ARG A 70 13.99 -2.63 6.33
C ARG A 70 14.07 -2.82 4.82
N HIS A 71 13.49 -1.87 4.06
CA HIS A 71 13.56 -1.91 2.60
C HIS A 71 13.35 -0.48 2.08
N PRO A 72 14.08 -0.11 1.01
CA PRO A 72 14.03 1.27 0.51
C PRO A 72 12.64 1.68 0.04
N ASN A 73 11.81 0.72 -0.34
CA ASN A 73 10.46 1.06 -0.81
C ASN A 73 9.38 0.71 0.20
N ILE A 74 9.78 0.54 1.44
CA ILE A 74 8.81 0.44 2.54
C ILE A 74 9.07 1.58 3.51
N LEU A 75 8.05 2.38 3.80
CA LEU A 75 8.22 3.49 4.77
C LEU A 75 8.70 2.97 6.11
N ARG A 76 9.95 3.30 6.44
CA ARG A 76 10.59 2.79 7.65
C ARG A 76 9.83 3.20 8.92
N LEU A 77 9.61 2.23 9.80
CA LEU A 77 9.03 2.48 11.11
C LEU A 77 10.12 2.31 12.15
N TYR A 78 10.52 3.42 12.77
CA TYR A 78 11.65 3.39 13.69
C TYR A 78 11.26 2.85 15.04
N GLY A 79 9.98 2.97 15.35
CA GLY A 79 9.48 2.60 16.66
C GLY A 79 8.13 3.23 16.88
N TYR A 80 7.56 2.91 18.04
CA TYR A 80 6.24 3.37 18.40
C TYR A 80 6.15 3.47 19.92
N PHE A 81 5.18 4.24 20.40
CA PHE A 81 4.89 4.32 21.82
C PHE A 81 3.47 4.79 21.99
N HIS A 82 2.99 4.75 23.22
CA HIS A 82 1.62 5.09 23.49
C HIS A 82 1.46 5.67 24.89
N ASP A 83 0.34 6.36 25.11
CA ASP A 83 -0.11 6.67 26.45
C ASP A 83 -1.50 6.09 26.56
N ALA A 84 -2.32 6.64 27.45
CA ALA A 84 -3.66 6.13 27.67
C ALA A 84 -4.62 6.52 26.55
N THR A 85 -4.19 7.44 25.70
CA THR A 85 -5.10 8.09 24.77
C THR A 85 -4.71 7.84 23.32
N ARG A 86 -3.40 7.84 23.06
CA ARG A 86 -2.89 7.87 21.70
C ARG A 86 -1.80 6.84 21.44
N VAL A 87 -1.66 6.45 20.18
CA VAL A 87 -0.52 5.66 19.73
C VAL A 87 0.31 6.54 18.80
N TYR A 88 1.63 6.51 18.99
CA TYR A 88 2.51 7.31 18.18
C TYR A 88 3.40 6.39 17.35
N LEU A 89 3.47 6.66 16.06
CA LEU A 89 4.42 5.96 15.19
C LEU A 89 5.56 6.90 14.84
N ILE A 90 6.80 6.44 15.03
CA ILE A 90 7.97 7.21 14.62
C ILE A 90 8.37 6.69 13.25
N LEU A 91 8.13 7.50 12.22
CA LEU A 91 8.19 7.05 10.84
C LEU A 91 9.27 7.79 10.03
N GLU A 92 9.80 7.12 9.01
CA GLU A 92 10.63 7.80 8.01
C GLU A 92 9.78 8.92 7.42
N TYR A 93 10.40 10.08 7.18
CA TYR A 93 9.71 11.19 6.53
C TYR A 93 9.79 11.07 5.01
N ALA A 94 8.63 11.05 4.35
CA ALA A 94 8.55 10.99 2.88
C ALA A 94 8.10 12.35 2.35
N PRO A 95 9.06 13.17 1.89
CA PRO A 95 8.79 14.59 1.64
C PRO A 95 7.71 14.84 0.61
N LEU A 96 7.57 13.98 -0.40
CA LEU A 96 6.69 14.30 -1.53
C LEU A 96 5.25 13.80 -1.38
N GLY A 97 4.89 13.32 -0.19
CA GLY A 97 3.50 12.95 0.09
C GLY A 97 3.01 11.72 -0.64
N THR A 98 1.69 11.54 -0.69
CA THR A 98 1.10 10.33 -1.26
C THR A 98 1.08 10.34 -2.77
N VAL A 99 1.32 9.16 -3.35
CA VAL A 99 1.10 8.95 -4.77
C VAL A 99 -0.34 9.33 -5.12
N TYR A 100 -1.26 9.12 -4.18
CA TYR A 100 -2.68 9.38 -4.40
C TYR A 100 -2.98 10.81 -4.83
N ARG A 101 -2.27 11.77 -4.26
CA ARG A 101 -2.49 13.17 -4.58
C ARG A 101 -2.05 13.43 -6.02
N GLU A 102 -0.89 12.87 -6.38
CA GLU A 102 -0.37 13.00 -7.73
C GLU A 102 -1.30 12.35 -8.75
N LEU A 103 -1.88 11.21 -8.39
CA LEU A 103 -2.78 10.52 -9.28
C LEU A 103 -4.01 11.38 -9.50
N GLN A 104 -4.46 12.05 -8.45
CA GLN A 104 -5.61 12.93 -8.54
C GLN A 104 -5.28 14.13 -9.42
N LYS A 105 -4.11 14.72 -9.19
CA LYS A 105 -3.67 15.89 -9.94
C LYS A 105 -3.53 15.61 -11.44
N LEU A 106 -3.08 14.40 -11.78
CA LEU A 106 -2.74 14.10 -13.17
C LEU A 106 -3.75 13.20 -13.85
N SER A 107 -4.66 12.63 -13.06
CA SER A 107 -5.73 11.72 -13.50
C SER A 107 -5.22 10.32 -13.78
N LYS A 108 -4.05 10.23 -14.42
CA LYS A 108 -3.40 8.94 -14.68
C LYS A 108 -1.92 9.15 -14.95
N PHE A 109 -1.12 8.09 -14.78
CA PHE A 109 0.32 8.17 -15.01
C PHE A 109 0.67 7.55 -16.36
N ASP A 110 1.82 7.91 -16.94
CA ASP A 110 2.26 7.27 -18.18
C ASP A 110 2.86 5.90 -17.89
N GLU A 111 3.25 5.18 -18.93
CA GLU A 111 3.74 3.82 -18.76
C GLU A 111 5.08 3.74 -18.03
N GLN A 112 5.91 4.77 -18.19
CA GLN A 112 7.24 4.78 -17.60
C GLN A 112 7.19 4.96 -16.09
N ARG A 113 6.44 5.96 -15.64
CA ARG A 113 6.26 6.17 -14.21
C ARG A 113 5.55 4.97 -13.60
N THR A 114 4.59 4.40 -14.33
CA THR A 114 3.82 3.28 -13.81
C THR A 114 4.69 2.02 -13.66
N ALA A 115 5.38 1.66 -14.73
CA ALA A 115 6.23 0.47 -14.70
C ALA A 115 7.29 0.62 -13.61
N THR A 116 7.80 1.83 -13.45
CA THR A 116 8.80 2.09 -12.42
C THR A 116 8.18 1.91 -11.02
N TYR A 117 6.94 2.37 -10.85
CA TYR A 117 6.25 2.17 -9.59
C TYR A 117 6.02 0.68 -9.36
N ILE A 118 5.58 -0.02 -10.40
CA ILE A 118 5.33 -1.45 -10.28
C ILE A 118 6.63 -2.20 -9.91
N THR A 119 7.75 -1.72 -10.43
CA THR A 119 9.05 -2.32 -10.11
C THR A 119 9.37 -2.22 -8.63
N GLU A 120 9.24 -1.01 -8.10
CA GLU A 120 9.57 -0.74 -6.72
C GLU A 120 8.66 -1.54 -5.80
N LEU A 121 7.39 -1.61 -6.17
CA LEU A 121 6.41 -2.35 -5.40
C LEU A 121 6.72 -3.85 -5.45
N ALA A 122 7.12 -4.33 -6.62
CA ALA A 122 7.41 -5.75 -6.77
C ALA A 122 8.62 -6.14 -5.92
N ASN A 123 9.65 -5.29 -5.90
CA ASN A 123 10.84 -5.55 -5.07
C ASN A 123 10.50 -5.59 -3.58
N ALA A 124 9.69 -4.62 -3.16
CA ALA A 124 9.25 -4.55 -1.76
C ALA A 124 8.46 -5.80 -1.37
N LEU A 125 7.50 -6.16 -2.21
CA LEU A 125 6.63 -7.30 -1.93
C LEU A 125 7.43 -8.60 -1.93
N SER A 126 8.45 -8.67 -2.78
CA SER A 126 9.33 -9.84 -2.81
C SER A 126 10.02 -9.97 -1.45
N TYR A 127 10.59 -8.85 -0.99
CA TYR A 127 11.20 -8.81 0.33
C TYR A 127 10.20 -9.22 1.40
N CYS A 128 9.01 -8.62 1.35
CA CYS A 128 7.98 -8.90 2.35
C CYS A 128 7.66 -10.39 2.44
N HIS A 129 7.46 -11.03 1.29
CA HIS A 129 7.13 -12.44 1.24
C HIS A 129 8.23 -13.34 1.83
N SER A 130 9.48 -12.96 1.64
CA SER A 130 10.59 -13.70 2.20
C SER A 130 10.53 -13.64 3.72
N LYS A 131 9.89 -12.59 4.23
CA LYS A 131 9.77 -12.40 5.66
C LYS A 131 8.42 -12.90 6.14
N ARG A 132 7.72 -13.61 5.26
CA ARG A 132 6.35 -14.11 5.52
C ARG A 132 5.35 -12.99 5.80
N VAL A 133 5.64 -11.80 5.29
CA VAL A 133 4.72 -10.69 5.37
C VAL A 133 3.94 -10.57 4.07
N ILE A 134 2.62 -10.72 4.13
CA ILE A 134 1.78 -10.72 2.95
C ILE A 134 0.59 -9.77 3.08
N HIS A 135 -0.20 -9.69 2.01
CA HIS A 135 -1.38 -8.83 1.94
C HIS A 135 -1.09 -7.38 2.34
N ARG A 136 -0.22 -6.73 1.58
CA ARG A 136 0.08 -5.34 1.81
C ARG A 136 -1.01 -4.50 1.16
N ASP A 137 -1.59 -3.58 1.92
CA ASP A 137 -2.62 -2.72 1.34
C ASP A 137 -1.93 -1.55 0.64
N ILE A 138 -1.58 -1.79 -0.63
CA ILE A 138 -0.78 -0.88 -1.43
C ILE A 138 -1.60 0.07 -2.30
N LYS A 139 -2.81 0.44 -1.85
CA LYS A 139 -3.61 1.46 -2.54
C LYS A 139 -2.86 2.79 -2.55
N PRO A 140 -3.11 3.64 -3.56
CA PRO A 140 -2.34 4.88 -3.69
C PRO A 140 -2.27 5.71 -2.41
N GLU A 141 -3.36 5.76 -1.65
CA GLU A 141 -3.37 6.46 -0.37
C GLU A 141 -2.27 5.99 0.59
N ASN A 142 -1.86 4.72 0.48
CA ASN A 142 -0.83 4.15 1.38
C ASN A 142 0.56 4.15 0.77
N LEU A 143 0.71 4.80 -0.37
CA LEU A 143 1.99 4.89 -1.05
C LEU A 143 2.56 6.29 -0.91
N LEU A 144 3.67 6.41 -0.17
CA LEU A 144 4.29 7.71 0.01
C LEU A 144 5.50 7.85 -0.92
N LEU A 145 5.98 9.08 -1.08
CA LEU A 145 7.02 9.40 -2.06
C LEU A 145 8.27 10.00 -1.41
N GLY A 146 9.41 9.34 -1.58
CA GLY A 146 10.67 9.85 -1.07
C GLY A 146 11.10 11.08 -1.85
N SER A 147 12.23 11.68 -1.47
CA SER A 147 12.64 12.95 -2.09
C SER A 147 13.03 12.81 -3.55
N ALA A 148 13.21 11.57 -4.02
CA ALA A 148 13.57 11.35 -5.42
C ALA A 148 12.41 10.70 -6.17
N GLY A 149 11.22 10.73 -5.58
CA GLY A 149 10.04 10.21 -6.26
C GLY A 149 9.93 8.71 -6.14
N GLU A 150 10.77 8.12 -5.30
CA GLU A 150 10.70 6.69 -5.04
C GLU A 150 9.52 6.38 -4.15
N LEU A 151 8.91 5.22 -4.39
CA LEU A 151 7.69 4.84 -3.72
C LEU A 151 7.99 4.20 -2.35
N LYS A 152 7.17 4.50 -1.34
CA LYS A 152 7.31 3.93 0.00
C LYS A 152 5.99 3.32 0.45
N ILE A 153 5.92 1.99 0.59
CA ILE A 153 4.69 1.40 1.10
C ILE A 153 4.47 1.80 2.56
N ALA A 154 3.33 2.44 2.83
CA ALA A 154 3.03 2.88 4.19
C ALA A 154 1.68 2.37 4.66
N ASP A 155 1.61 1.05 4.85
CA ASP A 155 0.40 0.39 5.31
C ASP A 155 0.65 -0.22 6.67
N PHE A 156 0.01 0.34 7.68
CA PHE A 156 0.18 -0.14 9.04
C PHE A 156 -1.11 -0.74 9.58
N GLY A 157 -1.90 -1.29 8.67
CA GLY A 157 -3.06 -2.10 9.01
C GLY A 157 -4.30 -1.34 9.47
N TRP A 158 -4.50 -0.13 8.98
CA TRP A 158 -5.64 0.62 9.49
C TRP A 158 -6.86 0.74 8.56
N SER A 159 -6.97 -0.17 7.60
CA SER A 159 -8.21 -0.30 6.83
C SER A 159 -8.81 -1.71 6.92
N VAL A 160 -10.12 -1.79 7.12
CA VAL A 160 -10.87 -3.04 7.06
C VAL A 160 -12.06 -2.87 6.14
N HIS A 161 -12.72 -3.97 5.78
CA HIS A 161 -14.00 -3.89 5.09
C HIS A 161 -15.10 -4.64 5.84
N ARG A 167 -21.13 -11.56 10.08
CA ARG A 167 -20.21 -12.00 9.05
C ARG A 167 -18.76 -11.79 9.49
N TPO A 168 -17.83 -12.07 8.58
CA TPO A 168 -16.40 -11.97 8.87
CB TPO A 168 -15.66 -13.12 8.19
CG2 TPO A 168 -14.21 -13.14 8.65
OG1 TPO A 168 -16.26 -14.34 8.61
P TPO A 168 -16.96 -15.09 7.35
O1P TPO A 168 -15.95 -15.44 6.33
O2P TPO A 168 -18.06 -14.12 6.69
O3P TPO A 168 -17.66 -16.42 7.90
C TPO A 168 -15.83 -10.62 8.44
O TPO A 168 -16.16 -10.10 7.38
N TPO A 169 -14.99 -10.05 9.29
CA TPO A 169 -14.35 -8.77 9.02
CB TPO A 169 -14.02 -8.08 10.32
CB TPO A 169 -14.01 -8.05 10.35
CG2 TPO A 169 -15.18 -7.14 10.67
CG2 TPO A 169 -14.04 -6.53 10.19
OG1 TPO A 169 -13.94 -9.09 11.33
OG1 TPO A 169 -14.83 -8.52 11.45
P TPO A 169 -12.90 -8.64 12.48
P TPO A 169 -16.26 -7.79 11.63
O1P TPO A 169 -12.49 -9.96 13.32
O1P TPO A 169 -17.24 -8.78 12.44
O2P TPO A 169 -11.58 -8.00 11.83
O2P TPO A 169 -16.11 -6.43 12.49
O3P TPO A 169 -13.55 -7.68 13.38
O3P TPO A 169 -16.92 -7.50 10.34
C TPO A 169 -13.08 -8.98 8.18
O TPO A 169 -12.18 -9.72 8.60
N LEU A 170 -13.02 -8.36 7.01
CA LEU A 170 -11.89 -8.54 6.10
C LEU A 170 -10.84 -7.45 6.25
N CYS A 171 -9.56 -7.84 6.22
CA CYS A 171 -8.46 -6.89 6.29
C CYS A 171 -8.16 -6.25 4.93
N GLY A 172 -7.94 -4.94 4.92
CA GLY A 172 -7.56 -4.25 3.70
C GLY A 172 -8.65 -3.38 3.11
N THR A 173 -8.60 -3.22 1.78
CA THR A 173 -9.49 -2.28 1.11
C THR A 173 -10.19 -2.93 -0.09
N LEU A 174 -11.53 -2.83 -0.09
CA LEU A 174 -12.40 -3.57 -1.00
C LEU A 174 -11.91 -3.69 -2.44
N ASP A 175 -11.67 -2.54 -3.09
CA ASP A 175 -11.34 -2.53 -4.52
C ASP A 175 -10.06 -3.30 -4.85
N TYR A 176 -9.23 -3.57 -3.85
CA TYR A 176 -7.94 -4.24 -4.07
C TYR A 176 -7.94 -5.70 -3.62
N LEU A 177 -9.03 -6.15 -3.01
CA LEU A 177 -9.12 -7.53 -2.52
C LEU A 177 -9.32 -8.54 -3.64
N PRO A 178 -8.62 -9.68 -3.53
CA PRO A 178 -8.70 -10.75 -4.54
C PRO A 178 -9.88 -11.65 -4.26
N PRO A 179 -10.30 -12.44 -5.28
CA PRO A 179 -11.48 -13.30 -5.15
C PRO A 179 -11.41 -14.23 -3.95
N GLU A 180 -10.26 -14.86 -3.72
CA GLU A 180 -10.14 -15.83 -2.64
C GLU A 180 -10.35 -15.20 -1.27
N MET A 181 -9.98 -13.93 -1.12
CA MET A 181 -10.18 -13.25 0.14
C MET A 181 -11.65 -12.90 0.39
N ILE A 182 -12.40 -12.68 -0.69
CA ILE A 182 -13.82 -12.35 -0.52
C ILE A 182 -14.69 -13.60 -0.51
N GLU A 183 -14.27 -14.64 -1.24
CA GLU A 183 -15.06 -15.87 -1.36
C GLU A 183 -14.82 -16.84 -0.21
N GLY A 184 -13.57 -16.95 0.22
CA GLY A 184 -13.19 -17.96 1.20
C GLY A 184 -12.37 -17.39 2.33
N ARG A 185 -11.81 -18.28 3.14
CA ARG A 185 -11.06 -17.86 4.32
C ARG A 185 -9.56 -18.16 4.23
N MET A 186 -9.15 -18.83 3.14
CA MET A 186 -7.73 -19.16 2.96
C MET A 186 -7.09 -18.50 1.75
N HIS A 187 -5.87 -18.02 1.95
CA HIS A 187 -5.12 -17.31 0.92
C HIS A 187 -3.67 -17.15 1.35
N ASP A 188 -2.79 -16.93 0.37
CA ASP A 188 -1.35 -16.81 0.64
C ASP A 188 -0.79 -15.54 -0.01
N GLU A 189 0.50 -15.55 -0.33
CA GLU A 189 1.17 -14.35 -0.82
C GLU A 189 0.70 -13.96 -2.22
N LYS A 190 -0.02 -14.86 -2.88
CA LYS A 190 -0.49 -14.59 -4.22
C LYS A 190 -1.50 -13.44 -4.24
N VAL A 191 -2.06 -13.12 -3.08
CA VAL A 191 -2.97 -11.98 -2.99
C VAL A 191 -2.24 -10.70 -3.41
N ASP A 192 -0.95 -10.64 -3.12
CA ASP A 192 -0.16 -9.44 -3.39
C ASP A 192 0.14 -9.31 -4.89
N LEU A 193 -0.02 -10.41 -5.62
CA LEU A 193 0.09 -10.39 -7.06
C LEU A 193 -1.16 -9.76 -7.67
N TRP A 194 -2.32 -10.07 -7.08
CA TRP A 194 -3.59 -9.50 -7.50
C TRP A 194 -3.65 -7.99 -7.27
N SER A 195 -3.21 -7.55 -6.10
CA SER A 195 -3.17 -6.13 -5.77
C SER A 195 -2.30 -5.37 -6.76
N LEU A 196 -1.16 -5.96 -7.07
CA LEU A 196 -0.22 -5.33 -7.99
C LEU A 196 -0.90 -5.08 -9.34
N GLY A 197 -1.76 -6.01 -9.76
CA GLY A 197 -2.49 -5.86 -11.00
C GLY A 197 -3.52 -4.75 -10.92
N VAL A 198 -4.23 -4.67 -9.79
CA VAL A 198 -5.22 -3.61 -9.61
C VAL A 198 -4.53 -2.25 -9.64
N LEU A 199 -3.38 -2.16 -8.98
CA LEU A 199 -2.66 -0.90 -8.92
C LEU A 199 -2.13 -0.49 -10.29
N CYS A 200 -1.52 -1.44 -11.00
CA CYS A 200 -0.99 -1.15 -12.33
C CYS A 200 -2.10 -0.60 -13.21
N TYR A 201 -3.27 -1.23 -13.13
CA TYR A 201 -4.45 -0.76 -13.86
C TYR A 201 -4.80 0.66 -13.41
N GLU A 202 -4.91 0.83 -12.09
CA GLU A 202 -5.33 2.11 -11.53
C GLU A 202 -4.37 3.23 -11.91
N PHE A 203 -3.07 2.95 -11.82
CA PHE A 203 -2.04 3.89 -12.24
C PHE A 203 -2.25 4.36 -13.67
N LEU A 204 -2.52 3.42 -14.58
CA LEU A 204 -2.61 3.72 -16.01
C LEU A 204 -3.98 4.29 -16.41
N VAL A 205 -5.02 3.93 -15.68
CA VAL A 205 -6.38 4.29 -16.05
C VAL A 205 -6.90 5.46 -15.21
N GLY A 206 -6.55 5.47 -13.92
CA GLY A 206 -6.99 6.53 -13.04
C GLY A 206 -8.00 6.04 -12.01
N LYS A 207 -8.42 4.78 -12.13
CA LYS A 207 -9.37 4.19 -11.22
C LYS A 207 -9.17 2.69 -11.24
N PRO A 208 -9.51 2.00 -10.14
CA PRO A 208 -9.31 0.55 -10.08
C PRO A 208 -10.33 -0.18 -10.96
N PRO A 209 -9.96 -1.36 -11.47
CA PRO A 209 -10.73 -2.05 -12.52
C PRO A 209 -12.13 -2.54 -12.11
N PHE A 210 -12.38 -2.79 -10.83
CA PHE A 210 -13.67 -3.36 -10.43
C PHE A 210 -14.58 -2.35 -9.75
N GLU A 211 -14.24 -1.08 -9.86
CA GLU A 211 -15.06 0.00 -9.32
C GLU A 211 -16.53 -0.09 -9.76
N ALA A 212 -17.45 -0.14 -8.79
CA ALA A 212 -18.87 -0.28 -9.09
C ALA A 212 -19.75 0.65 -8.24
N ASN A 213 -21.06 0.60 -8.46
CA ASN A 213 -21.98 1.47 -7.72
C ASN A 213 -22.01 1.18 -6.22
N THR A 214 -21.88 -0.10 -5.88
CA THR A 214 -22.05 -0.60 -4.50
C THR A 214 -21.00 -1.65 -4.15
N TYR A 215 -20.82 -1.91 -2.86
CA TYR A 215 -19.85 -2.91 -2.39
C TYR A 215 -20.18 -4.28 -2.96
N GLN A 216 -21.47 -4.64 -2.87
CA GLN A 216 -21.94 -5.94 -3.35
C GLN A 216 -21.63 -6.16 -4.82
N GLU A 217 -21.86 -5.14 -5.65
CA GLU A 217 -21.54 -5.24 -7.07
C GLU A 217 -20.04 -5.35 -7.31
N THR A 218 -19.25 -4.63 -6.52
CA THR A 218 -17.80 -4.75 -6.59
C THR A 218 -17.40 -6.16 -6.19
N TYR A 219 -18.03 -6.64 -5.12
CA TYR A 219 -17.81 -7.97 -4.57
C TYR A 219 -18.03 -9.02 -5.67
N LYS A 220 -19.11 -8.85 -6.44
CA LYS A 220 -19.45 -9.80 -7.50
C LYS A 220 -18.54 -9.67 -8.74
N ARG A 221 -18.22 -8.44 -9.14
CA ARG A 221 -17.34 -8.23 -10.28
C ARG A 221 -15.95 -8.81 -10.04
N ILE A 222 -15.43 -8.65 -8.82
CA ILE A 222 -14.15 -9.27 -8.47
C ILE A 222 -14.24 -10.80 -8.61
N SER A 223 -15.29 -11.39 -8.05
CA SER A 223 -15.49 -12.85 -8.12
C SER A 223 -15.47 -13.36 -9.54
N ARG A 224 -16.10 -12.60 -10.43
CA ARG A 224 -16.18 -12.96 -11.85
C ARG A 224 -14.96 -12.49 -12.64
N VAL A 225 -14.09 -11.72 -11.99
CA VAL A 225 -12.98 -11.06 -12.68
C VAL A 225 -13.56 -10.33 -13.89
N GLU A 226 -14.65 -9.63 -13.65
CA GLU A 226 -15.34 -8.86 -14.67
C GLU A 226 -14.80 -7.43 -14.68
N PHE A 227 -13.97 -7.11 -15.67
CA PHE A 227 -13.50 -5.75 -15.85
C PHE A 227 -13.16 -5.53 -17.30
N THR A 228 -13.06 -4.28 -17.71
CA THR A 228 -12.63 -3.98 -19.08
C THR A 228 -11.51 -2.95 -19.11
N PHE A 229 -10.74 -2.95 -20.20
CA PHE A 229 -9.68 -1.98 -20.41
C PHE A 229 -10.20 -0.83 -21.25
N PRO A 230 -9.71 0.38 -20.98
CA PRO A 230 -9.92 1.48 -21.93
C PRO A 230 -9.07 1.22 -23.18
N ASP A 231 -9.43 1.85 -24.31
CA ASP A 231 -8.73 1.61 -25.58
C ASP A 231 -7.27 2.01 -25.57
N PHE A 232 -6.91 2.99 -24.74
CA PHE A 232 -5.56 3.54 -24.77
C PHE A 232 -4.49 2.67 -24.09
N VAL A 233 -4.93 1.75 -23.24
CA VAL A 233 -4.01 0.82 -22.59
C VAL A 233 -3.31 -0.07 -23.62
N THR A 234 -1.98 0.01 -23.65
CA THR A 234 -1.20 -0.76 -24.62
C THR A 234 -1.29 -2.27 -24.37
N GLU A 235 -0.76 -3.06 -25.32
CA GLU A 235 -0.85 -4.52 -25.28
C GLU A 235 -0.05 -5.13 -24.14
N GLY A 236 1.19 -4.66 -23.96
CA GLY A 236 2.05 -5.17 -22.90
C GLY A 236 1.46 -4.94 -21.52
N ALA A 237 0.81 -3.79 -21.34
CA ALA A 237 0.20 -3.45 -20.07
C ALA A 237 -0.98 -4.39 -19.79
N ARG A 238 -1.87 -4.51 -20.79
CA ARG A 238 -2.99 -5.43 -20.74
C ARG A 238 -2.54 -6.84 -20.41
N ASP A 239 -1.42 -7.26 -21.01
CA ASP A 239 -0.93 -8.61 -20.79
C ASP A 239 -0.49 -8.82 -19.34
N LEU A 240 0.31 -7.91 -18.81
CA LEU A 240 0.72 -7.97 -17.41
C LEU A 240 -0.51 -7.97 -16.50
N ILE A 241 -1.37 -6.98 -16.67
CA ILE A 241 -2.56 -6.82 -15.83
C ILE A 241 -3.45 -8.06 -15.90
N SER A 242 -3.60 -8.63 -17.09
CA SER A 242 -4.41 -9.82 -17.26
C SER A 242 -3.81 -11.02 -16.55
N ARG A 243 -2.49 -11.13 -16.56
CA ARG A 243 -1.83 -12.23 -15.87
C ARG A 243 -1.99 -12.08 -14.36
N LEU A 244 -1.88 -10.85 -13.87
CA LEU A 244 -1.94 -10.58 -12.45
C LEU A 244 -3.36 -10.77 -11.92
N LEU A 245 -4.35 -10.42 -12.73
CA LEU A 245 -5.74 -10.54 -12.30
C LEU A 245 -6.36 -11.89 -12.67
N LYS A 246 -5.75 -12.99 -12.22
CA LYS A 246 -6.32 -14.33 -12.41
C LYS A 246 -7.09 -14.79 -11.17
N HIS A 247 -8.21 -15.49 -11.38
CA HIS A 247 -9.05 -15.98 -10.29
C HIS A 247 -8.34 -16.97 -9.35
N ASN A 248 -7.83 -18.07 -9.90
CA ASN A 248 -7.04 -18.99 -9.10
C ASN A 248 -5.69 -18.37 -8.80
N PRO A 249 -5.38 -18.14 -7.50
CA PRO A 249 -4.10 -17.58 -7.07
C PRO A 249 -2.90 -18.41 -7.53
N SER A 250 -3.10 -19.71 -7.73
CA SER A 250 -2.04 -20.60 -8.21
C SER A 250 -1.65 -20.30 -9.65
N GLN A 251 -2.58 -19.70 -10.39
CA GLN A 251 -2.34 -19.36 -11.79
C GLN A 251 -1.65 -18.00 -11.95
N ARG A 252 -1.64 -17.20 -10.88
CA ARG A 252 -1.00 -15.89 -10.92
C ARG A 252 0.53 -16.04 -11.02
N PRO A 253 1.19 -15.09 -11.71
CA PRO A 253 2.66 -15.08 -11.88
C PRO A 253 3.42 -15.01 -10.57
N MET A 254 4.70 -15.35 -10.60
CA MET A 254 5.61 -15.08 -9.49
C MET A 254 6.20 -13.68 -9.65
N LEU A 255 6.66 -13.09 -8.56
CA LEU A 255 7.15 -11.71 -8.61
C LEU A 255 8.36 -11.54 -9.51
N ARG A 256 9.21 -12.57 -9.58
CA ARG A 256 10.35 -12.55 -10.49
C ARG A 256 9.89 -12.34 -11.93
N GLU A 257 8.87 -13.09 -12.34
CA GLU A 257 8.30 -12.99 -13.68
C GLU A 257 7.78 -11.57 -13.98
N VAL A 258 7.18 -10.94 -12.97
CA VAL A 258 6.72 -9.56 -13.10
C VAL A 258 7.89 -8.65 -13.39
N LEU A 259 8.93 -8.74 -12.55
CA LEU A 259 10.13 -7.93 -12.68
C LEU A 259 10.85 -8.16 -14.00
N GLU A 260 10.54 -9.27 -14.66
CA GLU A 260 11.15 -9.60 -15.95
C GLU A 260 10.14 -9.56 -17.07
N HIS A 261 9.00 -8.94 -16.83
CA HIS A 261 8.01 -8.79 -17.88
C HIS A 261 8.51 -7.78 -18.90
N PRO A 262 8.35 -8.11 -20.19
CA PRO A 262 8.81 -7.26 -21.29
C PRO A 262 8.25 -5.83 -21.19
N TRP A 263 6.99 -5.69 -20.80
CA TRP A 263 6.41 -4.35 -20.66
C TRP A 263 7.09 -3.60 -19.52
N ILE A 264 7.40 -4.31 -18.45
CA ILE A 264 8.12 -3.72 -17.32
C ILE A 264 9.55 -3.38 -17.73
N THR A 265 10.27 -4.38 -18.24
CA THR A 265 11.63 -4.19 -18.75
C THR A 265 11.71 -3.01 -19.72
N ALA A 266 10.85 -3.01 -20.73
CA ALA A 266 10.81 -1.94 -21.73
C ALA A 266 10.50 -0.55 -21.17
N ASN A 267 9.88 -0.48 -20.00
CA ASN A 267 9.38 0.80 -19.49
C ASN A 267 9.90 1.25 -18.12
N SER A 268 10.30 0.31 -17.27
CA SER A 268 10.72 0.69 -15.91
C SER A 268 12.04 1.44 -15.94
N SER A 269 12.24 2.34 -14.98
CA SER A 269 13.48 3.12 -14.90
C SER A 269 14.57 2.43 -14.06
N LYS A 270 14.22 1.32 -13.41
CA LYS A 270 15.11 0.69 -12.43
C LYS A 270 14.84 -0.82 -12.24
N PRO A 271 15.85 -1.57 -11.75
CA PRO A 271 15.69 -3.02 -11.57
C PRO A 271 14.82 -3.40 -10.38
C13 5VC B . 3.97 13.67 4.02
C14 5VC B . 4.26 14.66 3.08
C15 5VC B . 3.26 15.54 2.70
C16 5VC B . 2.01 15.38 3.29
C11 5VC B . 1.80 14.37 4.21
C21 5VC B . 5.57 10.04 6.55
C27 5VC B . 0.36 6.32 5.64
O23 5VC B . -1.03 10.19 6.27
C24 5VC B . -0.60 8.92 6.01
C25 5VC B . 0.41 8.41 6.79
C26 5VC B . 0.90 7.14 6.63
C18 5VC B . 4.95 11.75 5.31
N22 5VC B . 5.95 10.97 5.61
S19 5VC B . 3.45 11.42 6.13
C20 5VC B . 4.26 10.12 6.95
N17 5VC B . 5.05 12.80 4.35
C10 5VC B . 0.42 14.22 4.82
C1 5VC B . -0.55 13.55 3.83
C7 5VC B . -0.80 14.40 2.62
O8 5VC B . -1.59 15.39 2.75
O9 5VC B . -0.21 14.09 1.53
C2 5VC B . -1.91 13.33 4.49
C3 5VC B . -1.79 12.36 5.66
C4 5VC B . -1.23 11.02 5.14
F30 5VC B . 0.95 9.18 7.75
CL3 5VC B . 2.19 6.65 7.69
C28 5VC B . -0.66 6.85 4.84
C29 5VC B . -1.17 8.14 5.00
C5 5VC B . 0.15 11.26 4.52
C6 5VC B . 0.02 12.23 3.34
N12 5VC B . 2.77 13.52 4.57
#